data_5POG
#
_entry.id   5POG
#
_cell.length_a   56.040
_cell.length_b   56.370
_cell.length_c   101.640
_cell.angle_alpha   90.000
_cell.angle_beta   90.000
_cell.angle_gamma   90.000
#
_symmetry.space_group_name_H-M   'P 21 21 21'
#
loop_
_entity.id
_entity.type
_entity.pdbx_description
1 polymer 'Bromodomain-containing protein 1'
2 non-polymer 1,2-ETHANEDIOL
3 non-polymer N-methylthieno[2,3-b]pyridine-2-carboxamide
4 non-polymer 'SODIUM ION'
5 water water
#
_entity_poly.entity_id   1
_entity_poly.type   'polypeptide(L)'
_entity_poly.pdbx_seq_one_letter_code
;MHHHHHHSSGVDLGTENLYFQSMEQVAMELRLTELTRLLRSVLDQLQDKDPARIFAQPVSLKEVPDYLDHIKHPMDFATM
RKRLEAQGYKNLHEFEEDFDLIIDNCMKYNARDTVFYRAAVRLRDQGGVVLRQARREVDSIGLEEASGMHLPERPA
;
_entity_poly.pdbx_strand_id   A,B
#
loop_
_chem_comp.id
_chem_comp.type
_chem_comp.name
_chem_comp.formula
8TJ non-polymer N-methylthieno[2,3-b]pyridine-2-carboxamide 'C9 H8 N2 O S'
EDO non-polymer 1,2-ETHANEDIOL 'C2 H6 O2'
NA non-polymer 'SODIUM ION' 'Na 1'
#
# COMPACT_ATOMS: atom_id res chain seq x y z
N SER A 22 -31.29 -18.15 12.05
CA SER A 22 -31.79 -18.36 10.69
C SER A 22 -30.90 -19.35 9.97
N MET A 23 -31.45 -20.07 8.99
CA MET A 23 -30.62 -21.00 8.24
CA MET A 23 -30.67 -21.00 8.18
C MET A 23 -29.63 -20.23 7.36
N GLU A 24 -30.00 -19.02 6.96
CA GLU A 24 -29.11 -18.17 6.15
C GLU A 24 -27.81 -17.83 6.90
N GLN A 25 -27.91 -17.46 8.17
CA GLN A 25 -26.73 -17.11 8.95
C GLN A 25 -25.82 -18.32 9.12
N VAL A 26 -26.44 -19.49 9.31
CA VAL A 26 -25.71 -20.75 9.42
C VAL A 26 -24.96 -21.07 8.13
N ALA A 27 -25.64 -20.90 7.01
CA ALA A 27 -25.06 -21.15 5.69
C ALA A 27 -23.83 -20.28 5.45
N MET A 28 -23.94 -19.01 5.82
CA MET A 28 -22.82 -18.06 5.73
C MET A 28 -21.64 -18.52 6.58
N GLU A 29 -21.94 -18.87 7.82
CA GLU A 29 -20.92 -19.30 8.76
C GLU A 29 -20.23 -20.58 8.27
N LEU A 30 -20.96 -21.38 7.51
CA LEU A 30 -20.39 -22.59 6.91
C LEU A 30 -19.41 -22.24 5.81
N ARG A 31 -19.81 -21.29 4.95
CA ARG A 31 -18.92 -20.78 3.91
C ARG A 31 -17.68 -20.15 4.53
N LEU A 32 -17.88 -19.27 5.50
CA LEU A 32 -16.76 -18.63 6.18
C LEU A 32 -15.84 -19.66 6.79
N THR A 33 -16.41 -20.71 7.37
CA THR A 33 -15.62 -21.77 7.99
C THR A 33 -14.78 -22.50 6.94
N GLU A 34 -15.36 -22.73 5.77
CA GLU A 34 -14.64 -23.44 4.73
C GLU A 34 -13.61 -22.55 4.05
N LEU A 35 -13.95 -21.27 3.88
CA LEU A 35 -12.96 -20.30 3.44
C LEU A 35 -11.75 -20.32 4.36
N THR A 36 -12.02 -20.33 5.66
CA THR A 36 -10.97 -20.39 6.67
C THR A 36 -10.17 -21.66 6.49
N ARG A 37 -10.86 -22.73 6.11
CA ARG A 37 -10.19 -24.01 5.90
C ARG A 37 -9.28 -23.94 4.68
N LEU A 38 -9.76 -23.30 3.62
CA LEU A 38 -8.96 -23.15 2.40
C LEU A 38 -7.75 -22.23 2.65
N LEU A 39 -7.99 -21.11 3.32
CA LEU A 39 -6.92 -20.14 3.59
C LEU A 39 -5.89 -20.71 4.54
N ARG A 40 -6.32 -21.61 5.44
CA ARG A 40 -5.39 -22.24 6.35
C ARG A 40 -4.37 -23.07 5.56
N SER A 41 -4.85 -23.78 4.55
CA SER A 41 -3.98 -24.57 3.68
C SER A 41 -3.03 -23.66 2.92
N VAL A 42 -3.58 -22.58 2.36
CA VAL A 42 -2.79 -21.60 1.63
C VAL A 42 -1.69 -21.02 2.52
N LEU A 43 -2.04 -20.72 3.77
CA LEU A 43 -1.08 -20.13 4.69
C LEU A 43 0.07 -21.11 4.95
N ASP A 44 -0.28 -22.38 5.15
CA ASP A 44 0.75 -23.39 5.41
C ASP A 44 1.69 -23.55 4.22
N GLN A 45 1.12 -23.53 3.02
CA GLN A 45 1.92 -23.60 1.81
C GLN A 45 2.87 -22.39 1.67
N LEU A 46 2.35 -21.20 1.96
CA LEU A 46 3.17 -19.99 1.83
C LEU A 46 4.31 -19.98 2.85
N GLN A 47 4.00 -20.43 4.06
CA GLN A 47 5.01 -20.42 5.11
C GLN A 47 6.10 -21.46 4.85
N ASP A 48 5.78 -22.49 4.09
CA ASP A 48 6.78 -23.48 3.69
C ASP A 48 7.83 -22.87 2.75
N LYS A 49 7.51 -21.73 2.15
CA LYS A 49 8.44 -21.07 1.24
C LYS A 49 9.40 -20.17 2.02
N ASP A 50 9.28 -20.22 3.35
CA ASP A 50 10.13 -19.45 4.27
C ASP A 50 10.79 -20.41 5.25
N PRO A 51 11.64 -21.32 4.75
CA PRO A 51 12.14 -22.37 5.65
C PRO A 51 13.00 -21.81 6.77
N ALA A 52 13.59 -20.64 6.55
CA ALA A 52 14.43 -20.00 7.57
C ALA A 52 13.63 -19.26 8.64
N ARG A 53 12.31 -19.26 8.49
CA ARG A 53 11.37 -18.66 9.44
C ARG A 53 11.65 -17.19 9.73
N ILE A 54 12.14 -16.49 8.71
CA ILE A 54 12.39 -15.05 8.81
C ILE A 54 11.10 -14.27 9.02
N PHE A 55 9.98 -14.80 8.51
CA PHE A 55 8.70 -14.09 8.57
C PHE A 55 7.69 -14.78 9.50
N ALA A 56 8.20 -15.68 10.35
CA ALA A 56 7.35 -16.50 11.21
C ALA A 56 6.70 -15.71 12.35
N GLN A 57 7.41 -14.70 12.86
CA GLN A 57 6.98 -13.96 14.04
C GLN A 57 7.13 -12.45 13.81
N PRO A 58 6.43 -11.63 14.61
CA PRO A 58 6.60 -10.17 14.47
C PRO A 58 8.07 -9.79 14.63
N VAL A 59 8.48 -8.73 13.94
CA VAL A 59 9.81 -8.18 14.16
C VAL A 59 9.87 -7.71 15.62
N SER A 60 10.85 -8.21 16.35
CA SER A 60 10.98 -7.92 17.77
C SER A 60 11.32 -6.45 18.02
N LEU A 61 10.45 -5.77 18.77
CA LEU A 61 10.69 -4.39 19.11
C LEU A 61 11.80 -4.31 20.15
N LYS A 62 12.15 -5.45 20.74
CA LYS A 62 13.29 -5.52 21.62
C LYS A 62 14.59 -5.60 20.82
N GLU A 63 14.58 -6.38 19.75
CA GLU A 63 15.76 -6.50 18.89
C GLU A 63 15.87 -5.31 17.91
N VAL A 64 14.73 -4.69 17.59
CA VAL A 64 14.69 -3.55 16.67
C VAL A 64 13.78 -2.45 17.23
N PRO A 65 14.26 -1.69 18.22
CA PRO A 65 13.38 -0.77 18.96
C PRO A 65 12.77 0.35 18.12
N ASP A 66 13.38 0.74 17.01
CA ASP A 66 12.85 1.83 16.19
C ASP A 66 12.02 1.37 14.98
N TYR A 67 11.78 0.07 14.88
CA TYR A 67 11.12 -0.50 13.72
C TYR A 67 9.83 0.24 13.39
N LEU A 68 9.05 0.58 14.41
CA LEU A 68 7.75 1.20 14.17
C LEU A 68 7.87 2.63 13.64
N ASP A 69 9.06 3.22 13.75
CA ASP A 69 9.32 4.50 13.08
C ASP A 69 9.43 4.32 11.57
N HIS A 70 9.69 3.08 11.15
CA HIS A 70 9.93 2.79 9.74
C HIS A 70 8.75 2.15 9.07
N ILE A 71 8.13 1.20 9.76
CA ILE A 71 7.08 0.37 9.18
C ILE A 71 5.79 0.63 9.93
N LYS A 72 4.81 1.23 9.27
CA LYS A 72 3.63 1.65 10.00
C LYS A 72 2.65 0.50 10.24
N HIS A 73 2.70 -0.51 9.38
CA HIS A 73 1.77 -1.63 9.52
C HIS A 73 2.49 -2.98 9.45
N PRO A 74 3.07 -3.40 10.58
CA PRO A 74 3.82 -4.66 10.66
C PRO A 74 2.94 -5.86 10.41
N MET A 75 3.53 -6.90 9.86
CA MET A 75 2.78 -8.13 9.61
C MET A 75 3.74 -9.31 9.64
N ASP A 76 3.23 -10.48 10.00
CA ASP A 76 4.02 -11.69 10.05
C ASP A 76 3.07 -12.87 9.99
N PHE A 77 3.61 -14.06 9.76
CA PHE A 77 2.79 -15.25 9.60
C PHE A 77 2.01 -15.60 10.88
N ALA A 78 2.62 -15.43 12.05
CA ALA A 78 1.94 -15.76 13.29
C ALA A 78 0.71 -14.88 13.50
N THR A 79 0.88 -13.60 13.17
CA THR A 79 -0.21 -12.64 13.32
C THR A 79 -1.34 -12.94 12.34
N MET A 80 -0.98 -13.31 11.11
CA MET A 80 -1.95 -13.77 10.11
C MET A 80 -2.73 -14.99 10.59
N ARG A 81 -2.02 -15.94 11.20
CA ARG A 81 -2.63 -17.17 11.69
C ARG A 81 -3.67 -16.88 12.78
N LYS A 82 -3.38 -15.92 13.65
CA LYS A 82 -4.29 -15.55 14.73
C LYS A 82 -5.60 -15.00 14.15
N ARG A 83 -5.47 -14.15 13.13
CA ARG A 83 -6.64 -13.58 12.48
C ARG A 83 -7.43 -14.67 11.77
N LEU A 84 -6.71 -15.59 11.12
CA LEU A 84 -7.31 -16.72 10.42
C LEU A 84 -8.19 -17.59 11.31
N GLU A 85 -7.67 -17.99 12.46
CA GLU A 85 -8.42 -18.86 13.36
C GLU A 85 -9.59 -18.11 14.00
N ALA A 86 -9.47 -16.79 14.09
CA ALA A 86 -10.60 -15.97 14.52
C ALA A 86 -11.58 -15.73 13.37
N GLN A 87 -11.31 -16.35 12.22
CA GLN A 87 -12.13 -16.17 11.01
C GLN A 87 -12.22 -14.70 10.65
N GLY A 88 -11.10 -13.99 10.81
CA GLY A 88 -11.08 -12.57 10.52
C GLY A 88 -10.80 -12.22 9.06
N TYR A 89 -10.62 -13.24 8.22
CA TYR A 89 -10.47 -12.98 6.79
C TYR A 89 -11.77 -13.29 6.07
N LYS A 90 -12.40 -12.26 5.49
CA LYS A 90 -13.70 -12.41 4.84
C LYS A 90 -13.58 -12.93 3.42
N ASN A 91 -12.45 -12.66 2.78
CA ASN A 91 -12.17 -13.16 1.45
C ASN A 91 -10.67 -13.30 1.22
N LEU A 92 -10.28 -13.80 0.05
CA LEU A 92 -8.87 -13.97 -0.27
C LEU A 92 -8.14 -12.63 -0.37
N HIS A 93 -8.83 -11.60 -0.86
CA HIS A 93 -8.17 -10.31 -1.04
C HIS A 93 -7.57 -9.78 0.27
N GLU A 94 -8.32 -9.88 1.37
CA GLU A 94 -7.86 -9.44 2.68
C GLU A 94 -6.61 -10.21 3.13
N PHE A 95 -6.65 -11.51 2.89
CA PHE A 95 -5.56 -12.42 3.19
C PHE A 95 -4.30 -12.02 2.41
N GLU A 96 -4.49 -11.80 1.10
CA GLU A 96 -3.37 -11.41 0.24
C GLU A 96 -2.77 -10.07 0.64
N GLU A 97 -3.64 -9.15 1.07
N GLU A 97 -3.58 -9.15 1.12
CA GLU A 97 -3.20 -7.87 1.62
CA GLU A 97 -3.05 -7.86 1.53
C GLU A 97 -2.14 -8.10 2.68
C GLU A 97 -2.16 -8.00 2.77
N ASP A 98 -2.47 -8.95 3.65
CA ASP A 98 -1.58 -9.22 4.78
C ASP A 98 -0.28 -9.89 4.36
N PHE A 99 -0.37 -10.80 3.39
CA PHE A 99 0.84 -11.46 2.88
C PHE A 99 1.75 -10.45 2.19
N ASP A 100 1.13 -9.62 1.38
CA ASP A 100 1.84 -8.54 0.72
C ASP A 100 2.54 -7.60 1.70
N LEU A 101 1.92 -7.30 2.85
CA LEU A 101 2.57 -6.46 3.86
C LEU A 101 3.88 -7.09 4.32
N ILE A 102 3.84 -8.39 4.58
CA ILE A 102 5.02 -9.07 5.06
C ILE A 102 6.19 -8.82 4.12
N ILE A 103 5.93 -8.99 2.83
CA ILE A 103 6.95 -8.87 1.79
CA ILE A 103 6.96 -8.87 1.81
C ILE A 103 7.40 -7.42 1.62
N ASP A 104 6.42 -6.54 1.49
CA ASP A 104 6.70 -5.13 1.20
C ASP A 104 7.41 -4.44 2.35
N ASN A 105 7.00 -4.75 3.59
CA ASN A 105 7.66 -4.18 4.78
C ASN A 105 9.12 -4.56 4.81
N CYS A 106 9.37 -5.86 4.62
CA CYS A 106 10.73 -6.38 4.60
C CYS A 106 11.59 -5.71 3.53
N MET A 107 11.04 -5.48 2.36
CA MET A 107 11.84 -4.95 1.27
C MET A 107 12.05 -3.45 1.37
N LYS A 108 11.35 -2.81 2.30
CA LYS A 108 11.62 -1.40 2.55
CA LYS A 108 11.58 -1.39 2.59
C LYS A 108 12.61 -1.25 3.70
N TYR A 109 12.36 -1.99 4.78
CA TYR A 109 13.20 -1.85 5.96
C TYR A 109 14.63 -2.33 5.67
N ASN A 110 14.74 -3.47 5.00
CA ASN A 110 16.06 -4.04 4.69
C ASN A 110 16.60 -3.65 3.32
N ALA A 111 17.91 -3.42 3.28
CA ALA A 111 18.57 -3.11 2.02
C ALA A 111 18.61 -4.33 1.11
N ARG A 112 18.76 -4.07 -0.17
CA ARG A 112 18.80 -5.05 -1.22
C ARG A 112 19.81 -6.19 -1.01
N ASP A 113 20.99 -5.86 -0.49
CA ASP A 113 22.00 -6.90 -0.31
C ASP A 113 21.98 -7.47 1.11
N THR A 114 20.79 -7.83 1.58
CA THR A 114 20.68 -8.50 2.89
C THR A 114 20.00 -9.83 2.74
N VAL A 115 20.21 -10.70 3.71
CA VAL A 115 19.59 -12.01 3.69
C VAL A 115 18.07 -11.85 3.84
N PHE A 116 17.65 -10.78 4.52
CA PHE A 116 16.22 -10.51 4.76
C PHE A 116 15.50 -10.12 3.48
N TYR A 117 16.06 -9.16 2.75
CA TYR A 117 15.42 -8.70 1.52
C TYR A 117 15.35 -9.83 0.52
N ARG A 118 16.43 -10.61 0.42
CA ARG A 118 16.48 -11.70 -0.56
C ARG A 118 15.48 -12.78 -0.22
N ALA A 119 15.26 -13.00 1.07
CA ALA A 119 14.25 -13.95 1.52
C ALA A 119 12.85 -13.53 1.09
N ALA A 120 12.54 -12.24 1.26
CA ALA A 120 11.26 -11.71 0.85
C ALA A 120 11.03 -11.91 -0.64
N VAL A 121 12.06 -11.62 -1.46
CA VAL A 121 11.94 -11.77 -2.91
C VAL A 121 11.58 -13.21 -3.27
N ARG A 122 12.27 -14.15 -2.65
CA ARG A 122 12.03 -15.56 -2.90
C ARG A 122 10.63 -15.99 -2.45
N LEU A 123 10.17 -15.50 -1.30
CA LEU A 123 8.81 -15.78 -0.82
C LEU A 123 7.77 -15.19 -1.77
N ARG A 124 8.03 -13.98 -2.26
CA ARG A 124 7.15 -13.30 -3.19
CA ARG A 124 7.12 -13.32 -3.19
C ARG A 124 6.99 -14.12 -4.48
N ASP A 125 8.12 -14.47 -5.08
CA ASP A 125 8.13 -15.22 -6.34
C ASP A 125 7.47 -16.57 -6.19
N GLN A 126 7.89 -17.32 -5.18
CA GLN A 126 7.39 -18.68 -4.98
C GLN A 126 5.94 -18.72 -4.48
N GLY A 127 5.51 -17.65 -3.81
CA GLY A 127 4.14 -17.59 -3.32
C GLY A 127 3.17 -17.20 -4.41
N GLY A 128 3.67 -16.58 -5.47
CA GLY A 128 2.84 -16.17 -6.60
C GLY A 128 2.12 -17.35 -7.23
N VAL A 129 2.85 -18.45 -7.40
CA VAL A 129 2.28 -19.70 -7.88
C VAL A 129 1.09 -20.13 -7.04
N VAL A 130 1.31 -20.18 -5.72
CA VAL A 130 0.33 -20.68 -4.76
C VAL A 130 -0.93 -19.83 -4.72
N LEU A 131 -0.76 -18.52 -4.80
CA LEU A 131 -1.89 -17.59 -4.75
C LEU A 131 -2.64 -17.53 -6.08
N ARG A 132 -1.94 -17.82 -7.18
CA ARG A 132 -2.56 -17.83 -8.49
C ARG A 132 -3.65 -18.91 -8.57
N GLN A 133 -3.40 -20.06 -7.94
CA GLN A 133 -4.36 -21.14 -7.99
C GLN A 133 -5.43 -20.97 -6.92
N ALA A 134 -5.05 -20.43 -5.77
CA ALA A 134 -5.99 -20.14 -4.70
C ALA A 134 -7.07 -19.20 -5.19
N ARG A 135 -6.68 -18.23 -5.99
CA ARG A 135 -7.61 -17.26 -6.57
C ARG A 135 -8.64 -17.96 -7.45
N ARG A 136 -8.20 -18.96 -8.20
CA ARG A 136 -9.11 -19.70 -9.07
C ARG A 136 -10.00 -20.61 -8.23
N GLU A 137 -9.43 -21.28 -7.24
CA GLU A 137 -10.18 -22.22 -6.40
C GLU A 137 -11.25 -21.53 -5.56
N VAL A 138 -11.16 -20.21 -5.45
CA VAL A 138 -12.12 -19.45 -4.66
C VAL A 138 -13.36 -19.12 -5.50
N ASP A 139 -13.16 -18.81 -6.77
CA ASP A 139 -14.27 -18.59 -7.70
C ASP A 139 -14.77 -19.90 -8.29
N SER B 22 -30.31 17.54 -15.99
N SER B 22 -30.60 18.58 -15.83
CA SER B 22 -30.94 17.16 -14.73
CA SER B 22 -31.37 17.86 -14.83
C SER B 22 -30.14 17.67 -13.54
C SER B 22 -30.80 18.09 -13.43
N MET B 23 -30.78 17.75 -12.38
N MET B 23 -31.18 17.23 -12.50
CA MET B 23 -30.07 18.12 -11.16
CA MET B 23 -30.46 17.09 -11.26
C MET B 23 -29.13 17.00 -10.79
C MET B 23 -29.50 15.93 -11.50
N GLU B 24 -29.42 15.80 -11.29
N GLU B 24 -28.79 15.49 -10.46
CA GLU B 24 -28.56 14.65 -11.09
CA GLU B 24 -27.73 14.48 -10.60
C GLU B 24 -27.21 14.89 -11.76
C GLU B 24 -26.63 14.98 -11.54
N GLN B 25 -27.24 15.50 -12.95
N GLN B 25 -26.99 15.25 -12.79
CA GLN B 25 -26.01 15.82 -13.67
CA GLN B 25 -26.10 15.88 -13.76
C GLN B 25 -25.33 17.02 -13.04
C GLN B 25 -25.35 17.05 -13.14
N VAL B 26 -26.12 18.02 -12.64
CA VAL B 26 -25.56 19.20 -11.98
C VAL B 26 -24.77 18.83 -10.73
N ALA B 27 -25.36 17.96 -9.91
CA ALA B 27 -24.71 17.52 -8.69
C ALA B 27 -23.45 16.69 -8.94
N MET B 28 -23.46 15.85 -9.98
CA MET B 28 -22.26 15.06 -10.31
C MET B 28 -21.15 15.99 -10.78
N GLU B 29 -21.53 16.97 -11.58
CA GLU B 29 -20.52 17.91 -12.06
C GLU B 29 -19.97 18.73 -10.90
N LEU B 30 -20.81 19.13 -9.95
CA LEU B 30 -20.32 19.86 -8.78
C LEU B 30 -19.40 19.02 -7.92
N ARG B 31 -19.74 17.74 -7.72
CA ARG B 31 -18.88 16.85 -6.96
C ARG B 31 -17.53 16.66 -7.64
N LEU B 32 -17.57 16.57 -8.98
CA LEU B 32 -16.35 16.46 -9.77
C LEU B 32 -15.45 17.66 -9.56
N THR B 33 -16.02 18.86 -9.64
CA THR B 33 -15.18 20.06 -9.58
C THR B 33 -14.67 20.33 -8.17
N GLU B 34 -15.44 19.93 -7.16
CA GLU B 34 -14.98 20.13 -5.79
C GLU B 34 -13.85 19.17 -5.46
N LEU B 35 -13.97 17.91 -5.92
CA LEU B 35 -12.90 16.93 -5.76
C LEU B 35 -11.59 17.45 -6.35
N THR B 36 -11.69 17.95 -7.57
CA THR B 36 -10.53 18.45 -8.26
C THR B 36 -9.89 19.62 -7.50
N ARG B 37 -10.71 20.55 -6.99
CA ARG B 37 -10.21 21.68 -6.20
CA ARG B 37 -10.20 21.69 -6.21
C ARG B 37 -9.44 21.21 -4.97
N LEU B 38 -10.03 20.26 -4.26
CA LEU B 38 -9.39 19.68 -3.09
C LEU B 38 -8.06 19.00 -3.45
N LEU B 39 -8.10 18.08 -4.41
CA LEU B 39 -6.89 17.30 -4.74
C LEU B 39 -5.77 18.22 -5.18
N ARG B 40 -6.15 19.28 -5.89
CA ARG B 40 -5.19 20.29 -6.34
C ARG B 40 -4.51 20.95 -5.15
N SER B 41 -5.30 21.23 -4.12
CA SER B 41 -4.79 21.83 -2.89
C SER B 41 -3.91 20.83 -2.14
N VAL B 42 -4.36 19.58 -2.07
CA VAL B 42 -3.57 18.54 -1.42
C VAL B 42 -2.22 18.36 -2.11
N LEU B 43 -2.24 18.21 -3.43
CA LEU B 43 -0.98 18.05 -4.18
C LEU B 43 -0.02 19.22 -3.94
N ASP B 44 -0.55 20.44 -3.90
N ASP B 44 -0.54 20.44 -3.89
CA ASP B 44 0.30 21.60 -3.72
CA ASP B 44 0.32 21.61 -3.72
C ASP B 44 0.93 21.58 -2.33
C ASP B 44 0.93 21.60 -2.32
N GLN B 45 0.12 21.23 -1.33
CA GLN B 45 0.61 21.09 0.04
C GLN B 45 1.71 20.05 0.13
N LEU B 46 1.52 18.92 -0.55
CA LEU B 46 2.52 17.86 -0.52
C LEU B 46 3.81 18.33 -1.19
N GLN B 47 3.73 18.91 -2.39
CA GLN B 47 4.94 19.30 -3.12
C GLN B 47 5.70 20.41 -2.40
N ASP B 48 4.98 21.34 -1.79
CA ASP B 48 5.61 22.41 -1.02
CA ASP B 48 5.62 22.41 -1.04
C ASP B 48 6.51 21.86 0.07
N LYS B 49 6.27 20.61 0.48
CA LYS B 49 7.09 19.97 1.50
C LYS B 49 8.32 19.28 0.93
N ASP B 50 8.52 19.41 -0.37
CA ASP B 50 9.67 18.81 -1.06
C ASP B 50 10.45 19.89 -1.81
N PRO B 51 10.99 20.88 -1.08
CA PRO B 51 11.68 21.97 -1.78
C PRO B 51 12.95 21.48 -2.45
N ALA B 52 13.46 20.34 -2.04
CA ALA B 52 14.66 19.82 -2.72
C ALA B 52 14.31 19.16 -4.05
N ARG B 53 13.01 19.05 -4.34
CA ARG B 53 12.49 18.49 -5.59
CA ARG B 53 12.49 18.48 -5.58
C ARG B 53 12.91 17.03 -5.79
N ILE B 54 13.06 16.29 -4.69
CA ILE B 54 13.45 14.90 -4.79
C ILE B 54 12.38 14.06 -5.50
N PHE B 55 11.11 14.41 -5.25
CA PHE B 55 9.96 13.65 -5.77
C PHE B 55 9.20 14.38 -6.88
N ALA B 56 9.78 15.46 -7.36
CA ALA B 56 9.09 16.32 -8.33
C ALA B 56 8.94 15.73 -9.72
N GLN B 57 9.90 14.91 -10.13
CA GLN B 57 9.98 14.40 -11.50
C GLN B 57 10.31 12.93 -11.48
N PRO B 58 10.02 12.20 -12.57
CA PRO B 58 10.43 10.79 -12.57
C PRO B 58 11.92 10.64 -12.27
N VAL B 59 12.27 9.57 -11.57
CA VAL B 59 13.68 9.19 -11.39
C VAL B 59 14.33 9.00 -12.76
N SER B 60 15.50 9.58 -12.98
CA SER B 60 16.14 9.47 -14.29
C SER B 60 16.83 8.13 -14.49
N LEU B 61 16.49 7.43 -15.56
CA LEU B 61 17.13 6.16 -15.83
C LEU B 61 18.61 6.35 -16.21
N LYS B 62 18.99 7.60 -16.48
CA LYS B 62 20.38 7.93 -16.75
C LYS B 62 21.15 8.10 -15.44
N GLU B 63 20.57 8.85 -14.51
CA GLU B 63 21.20 9.06 -13.21
C GLU B 63 21.14 7.79 -12.37
N VAL B 64 20.09 6.99 -12.55
CA VAL B 64 19.88 5.75 -11.80
C VAL B 64 19.49 4.61 -12.75
N PRO B 65 20.49 4.01 -13.43
CA PRO B 65 20.29 3.04 -14.52
C PRO B 65 19.61 1.72 -14.11
N ASP B 66 19.71 1.34 -12.85
CA ASP B 66 19.12 0.07 -12.42
C ASP B 66 17.73 0.21 -11.77
N TYR B 67 17.14 1.40 -11.87
CA TYR B 67 15.90 1.70 -11.13
C TYR B 67 14.76 0.75 -11.43
N LEU B 68 14.51 0.52 -12.71
CA LEU B 68 13.40 -0.32 -13.12
C LEU B 68 13.71 -1.81 -12.97
N ASP B 69 14.93 -2.14 -12.55
CA ASP B 69 15.22 -3.52 -12.17
C ASP B 69 14.43 -3.86 -10.92
N HIS B 70 14.18 -2.86 -10.08
CA HIS B 70 13.64 -3.09 -8.75
C HIS B 70 12.26 -2.47 -8.53
N ILE B 71 11.99 -1.38 -9.23
CA ILE B 71 10.73 -0.66 -9.05
C ILE B 71 9.78 -0.88 -10.25
N LYS B 72 8.61 -1.45 -10.00
CA LYS B 72 7.70 -1.91 -11.07
C LYS B 72 6.74 -0.83 -11.57
N HIS B 73 6.36 0.07 -10.68
CA HIS B 73 5.54 1.24 -11.06
C HIS B 73 6.04 2.56 -10.50
N PRO B 74 6.92 3.22 -11.26
CA PRO B 74 7.46 4.51 -10.80
C PRO B 74 6.37 5.55 -10.63
N MET B 75 6.58 6.49 -9.71
CA MET B 75 5.62 7.58 -9.54
C MET B 75 6.36 8.82 -9.01
N ASP B 76 5.76 9.98 -9.23
CA ASP B 76 6.36 11.28 -8.93
C ASP B 76 5.28 12.35 -9.03
N PHE B 77 5.55 13.50 -8.44
CA PHE B 77 4.53 14.54 -8.29
C PHE B 77 4.05 15.11 -9.63
N ALA B 78 4.94 15.15 -10.61
CA ALA B 78 4.55 15.69 -11.91
C ALA B 78 3.56 14.77 -12.62
N THR B 79 3.79 13.48 -12.52
CA THR B 79 2.90 12.47 -13.11
C THR B 79 1.51 12.50 -12.43
N MET B 80 1.50 12.69 -11.12
CA MET B 80 0.25 12.86 -10.38
C MET B 80 -0.50 14.11 -10.83
N ARG B 81 0.23 15.20 -11.06
CA ARG B 81 -0.45 16.42 -11.43
C ARG B 81 -1.09 16.25 -12.81
N LYS B 82 -0.36 15.60 -13.71
CA LYS B 82 -0.84 15.30 -15.05
C LYS B 82 -2.14 14.51 -14.99
N ARG B 83 -2.16 13.48 -14.16
CA ARG B 83 -3.35 12.64 -14.00
C ARG B 83 -4.48 13.46 -13.37
N LEU B 84 -4.16 14.25 -12.35
CA LEU B 84 -5.15 15.12 -11.70
C LEU B 84 -5.88 16.04 -12.67
N GLU B 85 -5.10 16.81 -13.43
CA GLU B 85 -5.65 17.82 -14.32
C GLU B 85 -6.41 17.21 -15.50
N ALA B 86 -6.12 15.95 -15.81
CA ALA B 86 -6.77 15.26 -16.91
C ALA B 86 -7.98 14.48 -16.41
N GLN B 87 -8.34 14.72 -15.15
CA GLN B 87 -9.55 14.19 -14.55
C GLN B 87 -9.45 12.69 -14.33
N GLY B 88 -8.22 12.24 -14.06
CA GLY B 88 -7.88 10.83 -13.92
C GLY B 88 -8.00 10.24 -12.52
N TYR B 89 -8.34 11.07 -11.52
CA TYR B 89 -8.61 10.57 -10.17
C TYR B 89 -10.11 10.61 -9.90
N LYS B 90 -10.72 9.44 -9.72
CA LYS B 90 -12.17 9.34 -9.47
C LYS B 90 -12.53 9.62 -8.01
N ASN B 91 -11.56 9.47 -7.12
CA ASN B 91 -11.77 9.67 -5.69
C ASN B 91 -10.46 9.96 -4.97
N LEU B 92 -10.53 10.29 -3.70
CA LEU B 92 -9.34 10.58 -2.89
C LEU B 92 -8.40 9.39 -2.79
N HIS B 93 -8.99 8.21 -2.72
CA HIS B 93 -8.22 6.98 -2.55
C HIS B 93 -7.27 6.71 -3.71
N GLU B 94 -7.77 6.84 -4.93
CA GLU B 94 -6.89 6.68 -6.09
C GLU B 94 -5.69 7.65 -5.99
N PHE B 95 -5.93 8.86 -5.48
CA PHE B 95 -4.89 9.87 -5.30
C PHE B 95 -3.91 9.38 -4.24
N GLU B 96 -4.45 8.89 -3.13
CA GLU B 96 -3.64 8.39 -2.03
CA GLU B 96 -3.65 8.38 -2.03
C GLU B 96 -2.75 7.23 -2.48
N GLU B 97 -3.30 6.32 -3.30
CA GLU B 97 -2.49 5.22 -3.78
C GLU B 97 -1.27 5.68 -4.58
N ASP B 98 -1.41 6.74 -5.37
CA ASP B 98 -0.26 7.21 -6.12
C ASP B 98 0.74 7.84 -5.18
N PHE B 99 0.28 8.56 -4.16
CA PHE B 99 1.25 9.17 -3.21
C PHE B 99 2.02 8.07 -2.49
N ASP B 100 1.30 7.03 -2.10
CA ASP B 100 1.95 5.88 -1.45
C ASP B 100 2.99 5.25 -2.37
N LEU B 101 2.73 5.23 -3.66
CA LEU B 101 3.69 4.67 -4.60
C LEU B 101 4.98 5.47 -4.52
N ILE B 102 4.86 6.78 -4.49
CA ILE B 102 6.05 7.64 -4.40
C ILE B 102 6.89 7.30 -3.17
N ILE B 103 6.23 7.24 -2.03
CA ILE B 103 6.88 6.93 -0.77
C ILE B 103 7.47 5.53 -0.77
N ASP B 104 6.65 4.54 -1.06
CA ASP B 104 7.06 3.14 -1.01
C ASP B 104 8.17 2.81 -1.99
N ASN B 105 8.12 3.36 -3.22
CA ASN B 105 9.18 3.14 -4.19
C ASN B 105 10.52 3.63 -3.66
N CYS B 106 10.51 4.81 -3.06
CA CYS B 106 11.72 5.43 -2.52
C CYS B 106 12.28 4.67 -1.33
N MET B 107 11.41 4.17 -0.45
CA MET B 107 11.84 3.42 0.72
C MET B 107 12.32 2.03 0.30
N LYS B 108 11.75 1.49 -0.77
CA LYS B 108 12.18 0.20 -1.28
CA LYS B 108 12.18 0.20 -1.28
C LYS B 108 13.52 0.29 -1.99
N TYR B 109 13.71 1.33 -2.82
CA TYR B 109 14.94 1.44 -3.60
C TYR B 109 16.16 1.83 -2.77
N ASN B 110 15.98 2.73 -1.82
CA ASN B 110 17.08 3.25 -1.01
C ASN B 110 17.26 2.58 0.36
N ALA B 111 18.50 2.49 0.83
CA ALA B 111 18.76 1.94 2.17
C ALA B 111 18.29 2.94 3.25
N ARG B 112 17.98 2.43 4.44
CA ARG B 112 17.42 3.25 5.52
C ARG B 112 18.28 4.45 5.84
N ASP B 113 19.58 4.21 5.89
CA ASP B 113 20.53 5.22 6.33
C ASP B 113 21.01 6.03 5.12
N THR B 114 20.06 6.61 4.39
CA THR B 114 20.33 7.50 3.24
C THR B 114 19.46 8.75 3.32
N VAL B 115 19.86 9.82 2.65
CA VAL B 115 19.09 11.04 2.68
C VAL B 115 17.73 10.88 1.96
N PHE B 116 17.71 10.13 0.87
N PHE B 116 17.74 10.13 0.86
CA PHE B 116 16.46 9.99 0.11
CA PHE B 116 16.52 9.92 0.09
C PHE B 116 15.45 9.12 0.86
C PHE B 116 15.48 9.17 0.92
N TYR B 117 15.92 8.08 1.55
CA TYR B 117 15.01 7.26 2.34
C TYR B 117 14.44 8.10 3.49
N ARG B 118 15.29 8.86 4.17
CA ARG B 118 14.78 9.66 5.27
C ARG B 118 13.81 10.74 4.76
N ALA B 119 14.06 11.27 3.57
CA ALA B 119 13.15 12.25 3.00
C ALA B 119 11.76 11.64 2.78
N ALA B 120 11.75 10.39 2.33
CA ALA B 120 10.49 9.71 2.07
C ALA B 120 9.71 9.47 3.36
N VAL B 121 10.42 9.11 4.43
CA VAL B 121 9.78 8.88 5.71
C VAL B 121 9.21 10.20 6.23
N ARG B 122 10.02 11.26 6.13
CA ARG B 122 9.56 12.59 6.52
C ARG B 122 8.29 13.01 5.76
N LEU B 123 8.32 12.86 4.44
CA LEU B 123 7.19 13.21 3.59
C LEU B 123 5.98 12.32 3.87
N ARG B 124 6.26 11.06 4.18
CA ARG B 124 5.19 10.12 4.51
C ARG B 124 4.40 10.57 5.74
N ASP B 125 5.10 10.95 6.82
N ASP B 125 5.11 11.00 6.78
CA ASP B 125 4.43 11.40 8.06
CA ASP B 125 4.45 11.33 8.03
C ASP B 125 3.66 12.66 7.81
C ASP B 125 3.75 12.69 7.95
N GLN B 126 4.35 13.65 7.23
CA GLN B 126 3.72 14.94 6.95
C GLN B 126 2.52 14.76 6.04
N GLY B 127 2.65 13.89 5.05
CA GLY B 127 1.57 13.64 4.11
C GLY B 127 0.39 12.92 4.74
N GLY B 128 0.66 12.06 5.72
CA GLY B 128 -0.40 11.35 6.40
C GLY B 128 -1.39 12.35 7.00
N VAL B 129 -0.85 13.38 7.61
CA VAL B 129 -1.67 14.38 8.27
C VAL B 129 -2.48 15.17 7.24
N VAL B 130 -1.84 15.55 6.13
CA VAL B 130 -2.53 16.25 5.06
C VAL B 130 -3.68 15.43 4.52
N LEU B 131 -3.43 14.13 4.30
CA LEU B 131 -4.42 13.24 3.68
C LEU B 131 -5.52 12.90 4.67
N ARG B 132 -5.21 12.85 5.96
CA ARG B 132 -6.28 12.59 6.94
C ARG B 132 -7.22 13.79 6.97
N GLN B 133 -6.65 14.99 6.84
CA GLN B 133 -7.43 16.21 6.77
C GLN B 133 -8.21 16.31 5.45
N ALA B 134 -7.61 15.87 4.36
CA ALA B 134 -8.32 15.83 3.07
C ALA B 134 -9.51 14.89 3.18
N ARG B 135 -9.34 13.81 3.93
CA ARG B 135 -10.43 12.84 4.09
C ARG B 135 -11.59 13.45 4.90
N ARG B 136 -11.27 14.25 5.91
CA ARG B 136 -12.30 15.03 6.63
C ARG B 136 -13.06 15.96 5.68
N GLU B 137 -12.33 16.56 4.74
CA GLU B 137 -12.93 17.47 3.78
C GLU B 137 -13.83 16.72 2.81
N VAL B 138 -13.38 15.57 2.33
CA VAL B 138 -14.21 14.72 1.49
C VAL B 138 -15.56 14.49 2.17
N ASP B 139 -15.53 14.11 3.44
CA ASP B 139 -16.75 13.84 4.18
C ASP B 139 -17.60 15.11 4.38
N SER B 140 -16.97 16.19 4.80
CA SER B 140 -17.67 17.46 5.01
C SER B 140 -18.32 17.99 3.71
N ILE B 141 -17.55 18.02 2.63
CA ILE B 141 -18.04 18.53 1.35
C ILE B 141 -19.03 17.56 0.69
N GLY B 142 -18.87 16.27 0.98
CA GLY B 142 -19.73 15.22 0.44
C GLY B 142 -19.32 14.65 -0.91
N LEU B 143 -18.04 14.33 -1.06
CA LEU B 143 -17.52 13.96 -2.38
C LEU B 143 -17.83 12.51 -2.79
N GLU B 144 -17.94 11.60 -1.81
CA GLU B 144 -18.31 10.23 -2.14
C GLU B 144 -19.79 9.93 -1.87
C1 EDO C . 13.79 -6.69 10.58
O1 EDO C . 13.13 -6.97 9.33
C2 EDO C . 15.19 -7.31 10.56
O2 EDO C . 16.01 -6.61 9.62
C1 EDO D . 12.42 -9.67 8.12
O1 EDO D . 13.11 -9.53 9.36
C2 EDO D . 10.93 -9.79 8.41
O2 EDO D . 10.35 -8.49 8.57
N1 8TJ E . 12.36 -9.71 9.60
N1 8TJ E . 12.06 -9.36 9.49
C4 8TJ E . 14.53 -8.92 11.47
C4 8TJ E . 15.14 -7.39 10.12
C5 8TJ E . 15.60 -8.37 12.25
C5 8TJ E . 16.19 -7.52 11.10
C6 8TJ E . 16.24 -8.86 13.38
C6 8TJ E . 17.36 -6.78 11.26
C7 8TJ E . 17.26 -8.13 13.96
C7 8TJ E . 18.23 -7.10 12.26
C8 8TJ E . 17.63 -6.91 13.42
C8 8TJ E . 17.94 -8.16 13.14
C1 8TJ E . 11.32 -10.05 8.67
C1 8TJ E . 10.97 -9.50 8.55
C2 8TJ E . 13.02 -8.55 9.46
C2 8TJ E . 12.92 -8.35 9.34
C3 8TJ E . 14.10 -8.18 10.41
C3 8TJ E . 14.11 -8.27 10.23
N2 8TJ E . 17.03 -6.41 12.34
N2 8TJ E . 16.81 -8.87 12.99
C9 8TJ E . 16.04 -7.08 11.75
C9 8TJ E . 15.94 -8.60 12.02
S1 8TJ E . 15.05 -6.75 10.36
S1 8TJ E . 14.43 -9.31 11.57
O1 8TJ E . 12.72 -7.78 8.54
O1 8TJ E . 12.74 -7.49 8.47
NA NA F . 15.02 0.50 1.97
C1 EDO G . 14.56 7.93 -4.62
O1 EDO G . 15.31 7.08 -5.49
C2 EDO G . 13.99 9.11 -5.40
O2 EDO G . 12.90 9.67 -4.67
C1 EDO H . -6.63 9.63 2.56
O1 EDO H . -7.60 8.98 1.72
C2 EDO H . -7.10 9.57 4.01
O2 EDO H . -7.38 8.21 4.34
N1 8TJ I . 14.37 9.31 -5.95
N1 8TJ I . 14.55 9.71 -6.00
C4 8TJ I . 17.65 7.70 -5.30
C4 8TJ I . 17.40 9.43 -6.59
C5 8TJ I . 18.98 7.98 -5.79
C5 8TJ I . 18.78 9.14 -6.74
C6 8TJ I . 20.20 7.38 -5.47
C6 8TJ I . 19.80 9.91 -7.33
C7 8TJ I . 21.35 7.82 -6.07
C7 8TJ I . 21.08 9.41 -7.37
C8 8TJ I . 21.31 8.86 -6.99
C8 8TJ I . 21.37 8.16 -6.84
C1 8TJ I . 12.98 9.33 -5.60
C1 8TJ I . 13.13 9.84 -5.76
C2 8TJ I . 15.21 8.39 -5.46
C2 8TJ I . 15.18 8.58 -5.71
C3 8TJ I . 16.65 8.47 -5.80
C3 8TJ I . 16.64 8.47 -5.97
N2 8TJ I . 20.15 9.46 -7.31
N2 8TJ I . 20.41 7.40 -6.27
C9 8TJ I . 19.01 9.06 -6.75
C9 8TJ I . 19.16 7.85 -6.21
S1 8TJ I . 17.36 9.58 -6.92
S1 8TJ I . 17.70 7.18 -5.57
O1 8TJ I . 14.79 7.50 -4.72
O1 8TJ I . 14.57 7.62 -5.21
#